data_9H48
#
_entry.id   9H48
#
_cell.length_a   47.772
_cell.length_b   47.772
_cell.length_c   64.686
_cell.angle_alpha   90.000
_cell.angle_beta   90.000
_cell.angle_gamma   120.000
#
_symmetry.space_group_name_H-M   'P 32'
#
loop_
_entity.id
_entity.type
_entity.pdbx_description
1 polymer 'Type II iodothyronine deiodinase'
2 water water
#
_entity_poly.entity_id   1
_entity_poly.type   'polypeptide(L)'
_entity_poly.pdbx_seq_one_letter_code
;GAYKQVKLGEDAPNSSVVHVSNPESGNNYASEKTADGAECHLLDFASAERPLVVNFGSATCPPFTRQLPAFRQLVEEFSS
VADFLLVYIDEAHPSDGWAVPGDSSLSFEVAAHRNQEDRCAAAHQLLERFSLPPQCQVVADRMDNNANVAYGVAFERVCI
VQRRKIAYLGGKGPFSYNLQEVRSWLEKNFSKR
;
_entity_poly.pdbx_strand_id   A
#
# COMPACT_ATOMS: atom_id res chain seq x y z
N GLY A 1 11.58 -17.77 10.90
N GLY A 1 11.63 -20.30 12.43
CA GLY A 1 11.43 -18.71 12.01
CA GLY A 1 11.48 -18.88 12.10
C GLY A 1 10.58 -18.20 13.15
C GLY A 1 10.58 -18.02 12.99
N ALA A 2 11.19 -17.47 14.05
CA ALA A 2 10.42 -16.80 15.09
C ALA A 2 10.00 -15.37 14.76
N TYR A 3 10.63 -14.73 13.76
CA TYR A 3 10.30 -13.38 13.33
C TYR A 3 10.80 -13.24 11.90
N LYS A 4 10.24 -12.27 11.19
CA LYS A 4 10.63 -11.98 9.81
C LYS A 4 11.47 -10.71 9.75
N GLN A 5 12.36 -10.61 8.74
CA GLN A 5 13.18 -9.40 8.50
C GLN A 5 13.59 -9.23 7.03
N VAL A 6 12.90 -8.50 6.34
CA VAL A 6 13.15 -8.33 4.91
C VAL A 6 14.17 -7.22 4.66
N LYS A 7 14.94 -7.36 3.59
CA LYS A 7 15.94 -6.36 3.26
C LYS A 7 16.08 -6.17 1.75
N LEU A 8 16.63 -5.02 1.43
CA LEU A 8 16.87 -4.60 0.07
C LEU A 8 17.65 -5.69 -0.66
N GLY A 9 17.23 -6.02 -1.89
CA GLY A 9 17.86 -6.99 -2.71
C GLY A 9 17.24 -8.36 -2.64
N GLU A 10 16.52 -8.66 -1.56
CA GLU A 10 15.98 -9.98 -1.40
C GLU A 10 14.82 -10.20 -2.35
N ASP A 11 14.50 -11.45 -2.57
CA ASP A 11 13.29 -11.78 -3.30
C ASP A 11 12.09 -11.12 -2.61
N ALA A 12 11.18 -10.55 -3.38
CA ALA A 12 9.99 -9.93 -2.81
C ALA A 12 8.98 -11.00 -2.36
N PRO A 13 8.58 -11.01 -1.08
CA PRO A 13 7.58 -11.98 -0.63
C PRO A 13 6.31 -11.92 -1.45
N ASN A 14 5.81 -13.09 -1.86
CA ASN A 14 4.64 -13.10 -2.74
C ASN A 14 3.37 -13.27 -1.90
N SER A 15 3.06 -12.21 -1.18
CA SER A 15 2.02 -12.31 -0.16
C SER A 15 0.63 -12.52 -0.74
N SER A 16 -0.23 -13.15 0.06
CA SER A 16 -1.63 -13.37 -0.27
C SER A 16 -2.50 -12.17 0.12
N VAL A 17 -3.27 -11.69 -0.84
CA VAL A 17 -4.05 -10.46 -0.67
C VAL A 17 -5.41 -10.63 -1.37
N VAL A 18 -6.27 -9.62 -1.25
CA VAL A 18 -7.62 -9.68 -1.80
C VAL A 18 -7.86 -8.43 -2.66
N HIS A 19 -8.38 -8.63 -3.86
CA HIS A 19 -8.64 -7.50 -4.76
CA HIS A 19 -8.66 -7.53 -4.77
C HIS A 19 -9.75 -6.59 -4.24
N VAL A 20 -9.55 -5.29 -4.41
CA VAL A 20 -10.53 -4.26 -4.12
C VAL A 20 -10.80 -3.57 -5.46
N SER A 21 -12.03 -3.66 -5.93
CA SER A 21 -12.35 -3.13 -7.25
CA SER A 21 -12.34 -3.14 -7.26
C SER A 21 -12.27 -1.62 -7.24
N ASN A 22 -11.75 -1.09 -8.35
CA ASN A 22 -11.40 0.33 -8.48
C ASN A 22 -11.63 0.66 -9.95
N PRO A 23 -12.89 0.59 -10.40
CA PRO A 23 -13.18 0.63 -11.84
C PRO A 23 -13.17 2.05 -12.39
N GLU A 24 -13.00 2.14 -13.71
CA GLU A 24 -12.90 3.43 -14.39
C GLU A 24 -14.28 4.05 -14.54
N THR A 34 -10.89 -7.63 -12.42
CA THR A 34 -11.13 -8.88 -11.69
C THR A 34 -12.23 -8.67 -10.65
N ALA A 35 -12.85 -9.78 -10.22
CA ALA A 35 -13.99 -9.69 -9.32
C ALA A 35 -13.59 -9.05 -7.99
N ASP A 36 -14.46 -8.18 -7.46
CA ASP A 36 -14.23 -7.54 -6.17
C ASP A 36 -14.12 -8.65 -5.14
N GLY A 37 -13.08 -8.58 -4.31
CA GLY A 37 -12.85 -9.57 -3.28
C GLY A 37 -12.12 -10.82 -3.73
N ALA A 38 -11.76 -10.91 -5.00
CA ALA A 38 -11.01 -12.08 -5.44
C ALA A 38 -9.64 -12.21 -4.77
N GLU A 39 -9.29 -13.42 -4.37
CA GLU A 39 -7.97 -13.66 -3.82
C GLU A 39 -6.92 -13.62 -4.91
N CYS A 40 -5.76 -13.10 -4.57
CA CYS A 40 -4.64 -12.97 -5.48
C CYS A 40 -3.34 -12.88 -4.68
N HIS A 41 -2.24 -12.71 -5.42
CA HIS A 41 -0.92 -12.55 -4.81
C HIS A 41 -0.25 -11.28 -5.28
N LEU A 42 0.62 -10.74 -4.44
CA LEU A 42 1.29 -9.47 -4.73
CA LEU A 42 1.29 -9.47 -4.73
C LEU A 42 2.00 -9.48 -6.08
N LEU A 43 2.73 -10.55 -6.39
CA LEU A 43 3.50 -10.57 -7.63
C LEU A 43 2.64 -10.77 -8.85
N ASP A 44 1.33 -11.05 -8.67
CA ASP A 44 0.44 -11.03 -9.82
C ASP A 44 0.41 -9.66 -10.46
N PHE A 45 0.75 -8.61 -9.72
CA PHE A 45 0.70 -7.24 -10.22
C PHE A 45 1.99 -6.76 -10.84
N ALA A 46 3.03 -7.57 -10.80
CA ALA A 46 4.33 -7.19 -11.35
C ALA A 46 4.50 -7.74 -12.74
N SER A 47 5.21 -7.00 -13.62
CA SER A 47 5.23 -7.30 -15.05
C SER A 47 6.58 -6.97 -15.67
N ALA A 48 7.23 -7.95 -16.29
CA ALA A 48 8.48 -7.72 -17.04
C ALA A 48 9.51 -6.98 -16.20
N GLU A 49 10.14 -5.93 -16.72
CA GLU A 49 11.13 -5.20 -15.91
C GLU A 49 10.56 -3.94 -15.29
N ARG A 50 9.15 -3.81 -15.41
CA ARG A 50 8.46 -2.65 -14.97
C ARG A 50 8.52 -2.64 -13.45
N PRO A 51 8.91 -1.55 -12.86
CA PRO A 51 8.84 -1.46 -11.40
C PRO A 51 7.39 -1.62 -10.98
N LEU A 52 7.21 -2.22 -9.79
CA LEU A 52 5.94 -2.26 -9.06
C LEU A 52 6.15 -1.53 -7.75
N VAL A 53 5.46 -0.40 -7.60
CA VAL A 53 5.57 0.45 -6.42
C VAL A 53 4.45 0.02 -5.50
N VAL A 54 4.79 -0.48 -4.30
CA VAL A 54 3.79 -1.00 -3.38
C VAL A 54 3.76 -0.10 -2.14
N ASN A 55 2.58 0.43 -1.83
CA ASN A 55 2.38 1.40 -0.74
C ASN A 55 1.42 0.79 0.26
N PHE A 56 1.92 0.51 1.47
CA PHE A 56 1.17 -0.17 2.53
C PHE A 56 0.68 0.85 3.56
N GLY A 57 -0.59 0.76 3.94
CA GLY A 57 -1.11 1.63 4.99
C GLY A 57 -2.59 1.44 5.22
N SER A 58 -3.17 2.37 5.98
CA SER A 58 -4.59 2.33 6.37
C SER A 58 -5.11 3.75 6.52
N ALA A 59 -6.44 3.90 6.51
CA ALA A 59 -7.06 5.21 6.55
C ALA A 59 -6.77 5.96 7.83
N THR A 60 -6.48 5.26 8.92
CA THR A 60 -6.26 5.90 10.22
C THR A 60 -4.78 6.14 10.50
N CYS A 61 -3.91 6.00 9.49
CA CYS A 61 -2.47 6.24 9.61
C CYS A 61 -2.15 7.60 8.95
N PRO A 62 -1.94 8.67 9.71
CA PRO A 62 -1.72 9.99 9.10
C PRO A 62 -0.49 10.05 8.19
N PRO A 63 0.66 9.49 8.55
CA PRO A 63 1.77 9.60 7.58
C PRO A 63 1.40 9.05 6.19
N PHE A 64 0.66 7.95 6.15
CA PHE A 64 0.19 7.36 4.91
C PHE A 64 -0.82 8.26 4.21
N THR A 65 -1.90 8.66 4.90
CA THR A 65 -2.96 9.39 4.21
C THR A 65 -2.47 10.77 3.77
N ARG A 66 -1.60 11.40 4.57
CA ARG A 66 -1.05 12.69 4.18
C ARG A 66 -0.38 12.68 2.82
N GLN A 67 0.22 11.55 2.43
CA GLN A 67 0.94 11.44 1.16
C GLN A 67 0.12 10.73 0.08
N LEU A 68 -1.15 10.38 0.34
CA LEU A 68 -1.94 9.74 -0.71
C LEU A 68 -2.15 10.65 -1.92
N PRO A 69 -2.35 11.97 -1.77
CA PRO A 69 -2.41 12.80 -2.99
C PRO A 69 -1.10 12.74 -3.77
N ALA A 70 0.03 12.75 -3.10
CA ALA A 70 1.32 12.62 -3.77
C ALA A 70 1.44 11.26 -4.42
N PHE A 71 0.90 10.21 -3.81
CA PHE A 71 0.87 8.89 -4.45
C PHE A 71 0.05 8.91 -5.73
N ARG A 72 -1.13 9.53 -5.67
CA ARG A 72 -1.99 9.68 -6.84
C ARG A 72 -1.23 10.36 -7.97
N GLN A 73 -0.46 11.40 -7.63
CA GLN A 73 0.32 12.08 -8.65
C GLN A 73 1.38 11.19 -9.27
N LEU A 74 2.07 10.38 -8.46
CA LEU A 74 3.01 9.39 -9.01
C LEU A 74 2.34 8.45 -10.00
N VAL A 75 1.16 7.95 -9.64
CA VAL A 75 0.40 7.07 -10.53
C VAL A 75 0.12 7.81 -11.83
N GLU A 76 -0.34 9.06 -11.74
CA GLU A 76 -0.66 9.79 -12.94
C GLU A 76 0.56 9.99 -13.83
N GLU A 77 1.71 10.28 -13.23
CA GLU A 77 2.89 10.63 -14.00
C GLU A 77 3.63 9.42 -14.51
N PHE A 78 3.53 8.26 -13.85
CA PHE A 78 4.38 7.12 -14.17
C PHE A 78 3.65 5.84 -14.54
N SER A 79 2.32 5.83 -14.54
CA SER A 79 1.62 4.55 -14.75
C SER A 79 1.86 3.95 -16.14
N SER A 80 2.29 4.75 -17.13
CA SER A 80 2.56 4.17 -18.44
C SER A 80 3.82 3.30 -18.42
N VAL A 81 4.71 3.50 -17.44
CA VAL A 81 6.01 2.84 -17.37
C VAL A 81 6.23 2.03 -16.10
N ALA A 82 5.38 2.18 -15.08
CA ALA A 82 5.53 1.49 -13.80
C ALA A 82 4.14 1.16 -13.30
N ASP A 83 4.05 0.07 -12.55
CA ASP A 83 2.80 -0.35 -11.91
C ASP A 83 2.77 0.10 -10.46
N PHE A 84 1.54 0.33 -9.97
CA PHE A 84 1.31 0.87 -8.62
C PHE A 84 0.28 0.00 -7.92
N LEU A 85 0.59 -0.32 -6.65
CA LEU A 85 -0.28 -1.19 -5.84
C LEU A 85 -0.39 -0.59 -4.44
N LEU A 86 -1.62 -0.39 -3.96
CA LEU A 86 -1.86 0.05 -2.59
C LEU A 86 -2.32 -1.21 -1.83
N VAL A 87 -1.65 -1.53 -0.75
CA VAL A 87 -2.00 -2.67 0.11
C VAL A 87 -2.59 -2.13 1.42
N TYR A 88 -3.89 -2.36 1.60
CA TYR A 88 -4.63 -1.88 2.76
C TYR A 88 -4.46 -2.87 3.91
N ILE A 89 -3.82 -2.44 4.99
CA ILE A 89 -3.47 -3.30 6.12
C ILE A 89 -4.40 -3.03 7.32
N ASP A 90 -4.12 -3.66 8.45
N ASP A 90 -4.08 -3.62 8.47
CA ASP A 90 -4.86 -3.38 9.68
CA ASP A 90 -4.89 -3.34 9.66
C ASP A 90 -4.83 -1.89 10.00
C ASP A 90 -4.79 -1.89 10.09
N GLU A 91 -5.86 -1.39 10.71
CA GLU A 91 -5.86 0.03 11.07
C GLU A 91 -4.74 0.39 12.03
N ALA A 92 -4.07 1.50 11.74
CA ALA A 92 -3.04 2.02 12.63
C ALA A 92 -3.65 2.51 13.95
N HIS A 93 -4.78 3.21 13.89
CA HIS A 93 -5.38 3.85 15.06
C HIS A 93 -6.88 3.60 14.99
N PRO A 94 -7.31 2.40 15.33
CA PRO A 94 -8.73 2.08 15.18
C PRO A 94 -9.58 2.95 16.10
N SER A 95 -10.76 3.35 15.57
CA SER A 95 -11.68 4.19 16.30
C SER A 95 -12.47 3.39 17.32
N ASP A 96 -12.80 4.02 18.46
CA ASP A 96 -13.78 3.48 19.43
C ASP A 96 -15.09 4.20 19.32
N GLY A 97 -15.25 5.09 18.36
CA GLY A 97 -16.58 5.60 18.03
C GLY A 97 -17.12 6.74 18.84
N TRP A 98 -16.55 7.02 20.02
CA TRP A 98 -17.07 8.03 20.94
C TRP A 98 -16.32 9.34 20.86
N ALA A 99 -14.99 9.27 20.87
CA ALA A 99 -14.20 10.49 21.01
C ALA A 99 -14.25 11.27 19.72
N VAL A 100 -14.42 12.58 19.83
CA VAL A 100 -14.53 13.44 18.66
C VAL A 100 -13.16 14.06 18.42
N PRO A 101 -12.48 13.73 17.30
CA PRO A 101 -11.26 14.46 16.93
C PRO A 101 -11.56 15.95 17.00
N GLY A 102 -10.93 16.67 17.94
CA GLY A 102 -11.23 18.08 18.13
C GLY A 102 -10.71 18.94 16.99
N ASP A 103 -9.64 18.49 16.35
CA ASP A 103 -9.14 19.14 15.15
C ASP A 103 -9.84 18.53 13.94
N SER A 104 -10.19 19.37 12.96
CA SER A 104 -10.59 18.82 11.68
C SER A 104 -9.42 17.98 11.16
N SER A 105 -9.71 16.72 10.83
CA SER A 105 -8.66 15.82 10.36
C SER A 105 -8.82 15.56 8.86
N LEU A 106 -7.69 15.30 8.21
CA LEU A 106 -7.67 15.00 6.78
C LEU A 106 -8.45 13.74 6.46
N SER A 107 -8.11 12.63 7.11
CA SER A 107 -8.75 11.35 6.81
C SER A 107 -9.91 11.08 7.75
N PHE A 108 -10.51 9.88 7.64
CA PHE A 108 -11.73 9.48 8.31
C PHE A 108 -11.40 8.33 9.28
N GLU A 109 -12.29 8.17 10.25
CA GLU A 109 -12.14 7.14 11.24
C GLU A 109 -12.63 5.79 10.71
N VAL A 110 -11.95 4.74 11.16
CA VAL A 110 -12.28 3.35 10.88
C VAL A 110 -12.12 2.57 12.17
N ALA A 111 -13.11 1.78 12.53
CA ALA A 111 -13.02 0.88 13.67
C ALA A 111 -12.21 -0.36 13.33
N ALA A 112 -11.73 -1.05 14.36
CA ALA A 112 -10.92 -2.24 14.13
C ALA A 112 -11.68 -3.22 13.24
N HIS A 113 -11.01 -3.78 12.24
CA HIS A 113 -11.67 -4.67 11.30
C HIS A 113 -12.07 -5.96 12.01
N ARG A 114 -13.32 -6.39 11.80
CA ARG A 114 -13.74 -7.66 12.36
C ARG A 114 -13.43 -8.84 11.46
N ASN A 115 -13.25 -8.60 10.16
CA ASN A 115 -13.23 -9.62 9.14
C ASN A 115 -12.74 -8.98 7.84
N GLN A 116 -12.55 -9.81 6.83
CA GLN A 116 -12.00 -9.34 5.56
C GLN A 116 -12.90 -8.32 4.90
N GLU A 117 -14.21 -8.50 5.04
CA GLU A 117 -15.16 -7.59 4.42
C GLU A 117 -14.97 -6.17 4.99
N ASP A 118 -14.78 -6.07 6.31
CA ASP A 118 -14.57 -4.74 6.91
C ASP A 118 -13.31 -4.10 6.34
N ARG A 119 -12.24 -4.87 6.19
CA ARG A 119 -10.98 -4.32 5.68
C ARG A 119 -11.13 -3.86 4.22
N CYS A 120 -11.79 -4.68 3.41
CA CYS A 120 -12.10 -4.30 2.02
C CYS A 120 -13.00 -3.08 1.96
N ALA A 121 -13.97 -2.96 2.88
CA ALA A 121 -14.83 -1.79 2.91
C ALA A 121 -14.04 -0.55 3.20
N ALA A 122 -13.11 -0.64 4.16
CA ALA A 122 -12.28 0.52 4.49
C ALA A 122 -11.43 0.92 3.28
N ALA A 123 -10.91 -0.04 2.52
CA ALA A 123 -10.15 0.28 1.32
C ALA A 123 -11.02 0.98 0.28
N HIS A 124 -12.27 0.52 0.11
CA HIS A 124 -13.22 1.21 -0.76
C HIS A 124 -13.50 2.64 -0.32
N GLN A 125 -13.59 2.87 0.99
CA GLN A 125 -13.76 4.22 1.51
C GLN A 125 -12.55 5.07 1.16
N LEU A 126 -11.35 4.51 1.35
CA LEU A 126 -10.11 5.23 1.10
C LEU A 126 -10.00 5.70 -0.33
N LEU A 127 -10.31 4.79 -1.26
CA LEU A 127 -10.22 5.12 -2.67
CA LEU A 127 -10.28 5.06 -2.70
C LEU A 127 -11.11 6.28 -3.05
N GLU A 128 -12.32 6.35 -2.49
CA GLU A 128 -13.22 7.46 -2.77
C GLU A 128 -12.75 8.74 -2.13
N ARG A 129 -12.31 8.67 -0.89
CA ARG A 129 -11.94 9.87 -0.16
C ARG A 129 -10.77 10.58 -0.82
N PHE A 130 -9.81 9.83 -1.34
CA PHE A 130 -8.58 10.39 -1.87
C PHE A 130 -8.53 10.36 -3.38
N SER A 131 -9.65 10.08 -4.03
CA SER A 131 -9.75 10.12 -5.49
C SER A 131 -8.62 9.33 -6.16
N LEU A 132 -8.46 8.08 -5.75
CA LEU A 132 -7.47 7.21 -6.38
C LEU A 132 -8.07 6.64 -7.67
N PRO A 133 -7.32 6.65 -8.76
CA PRO A 133 -7.83 6.21 -10.06
C PRO A 133 -7.60 4.73 -10.25
N PRO A 134 -8.18 4.10 -11.28
CA PRO A 134 -8.03 2.63 -11.42
C PRO A 134 -6.63 2.21 -11.62
N GLN A 135 -5.77 3.07 -12.15
CA GLN A 135 -4.39 2.66 -12.35
C GLN A 135 -3.68 2.47 -11.03
N CYS A 136 -4.22 2.95 -9.94
CA CYS A 136 -3.67 2.64 -8.63
C CYS A 136 -4.41 1.38 -8.22
N GLN A 137 -3.79 0.21 -8.42
CA GLN A 137 -4.46 -1.03 -8.08
C GLN A 137 -4.50 -1.17 -6.58
N VAL A 138 -5.61 -1.69 -6.04
CA VAL A 138 -5.80 -1.78 -4.60
C VAL A 138 -6.09 -3.22 -4.18
N VAL A 139 -5.45 -3.65 -3.11
CA VAL A 139 -5.76 -4.91 -2.48
C VAL A 139 -5.84 -4.67 -0.99
N ALA A 140 -6.44 -5.61 -0.28
CA ALA A 140 -6.41 -5.66 1.15
C ALA A 140 -5.56 -6.86 1.58
N ASP A 141 -4.72 -6.65 2.60
CA ASP A 141 -4.02 -7.77 3.23
C ASP A 141 -5.04 -8.76 3.81
N ARG A 142 -4.71 -10.04 3.79
CA ARG A 142 -5.54 -11.05 4.43
C ARG A 142 -5.54 -10.83 5.93
N MET A 143 -6.52 -11.45 6.60
CA MET A 143 -6.70 -11.18 8.02
C MET A 143 -5.63 -11.81 8.90
N ASP A 144 -4.83 -12.70 8.34
CA ASP A 144 -3.64 -13.15 9.04
C ASP A 144 -2.51 -12.11 8.98
N ASN A 145 -2.71 -10.98 8.27
CA ASN A 145 -1.71 -9.92 8.16
C ASN A 145 -0.41 -10.38 7.53
N ASN A 146 -0.51 -11.36 6.63
CA ASN A 146 0.71 -11.94 6.07
C ASN A 146 1.55 -10.92 5.29
N ALA A 147 0.92 -10.01 4.53
CA ALA A 147 1.76 -9.05 3.80
C ALA A 147 2.42 -8.06 4.76
N ASN A 148 1.67 -7.58 5.74
CA ASN A 148 2.19 -6.68 6.76
CA ASN A 148 2.20 -6.65 6.74
C ASN A 148 3.42 -7.24 7.44
N VAL A 149 3.34 -8.51 7.86
CA VAL A 149 4.49 -9.08 8.57
C VAL A 149 5.63 -9.33 7.58
N ALA A 150 5.35 -9.80 6.38
CA ALA A 150 6.43 -10.14 5.46
C ALA A 150 7.24 -8.92 5.05
N TYR A 151 6.58 -7.77 4.90
CA TYR A 151 7.22 -6.54 4.46
C TYR A 151 7.66 -5.66 5.63
N GLY A 152 7.54 -6.15 6.86
CA GLY A 152 8.07 -5.44 8.02
C GLY A 152 7.43 -4.09 8.21
N VAL A 153 6.15 -3.95 7.88
CA VAL A 153 5.50 -2.63 7.88
C VAL A 153 5.27 -2.21 9.31
N ALA A 154 5.65 -0.98 9.64
CA ALA A 154 5.32 -0.30 10.91
C ALA A 154 4.40 0.87 10.53
N PHE A 155 3.15 0.58 10.44
CA PHE A 155 2.03 1.44 10.12
C PHE A 155 2.00 1.82 8.63
N GLU A 156 3.13 2.16 8.01
CA GLU A 156 3.14 2.51 6.59
C GLU A 156 4.54 2.22 6.06
N ARG A 157 4.62 1.86 4.78
CA ARG A 157 5.92 1.65 4.14
C ARG A 157 5.69 1.62 2.64
N VAL A 158 6.76 1.95 1.88
CA VAL A 158 6.81 1.72 0.44
C VAL A 158 7.93 0.75 0.11
N CYS A 159 7.62 -0.20 -0.76
CA CYS A 159 8.58 -1.17 -1.30
C CYS A 159 8.46 -1.10 -2.82
N ILE A 160 9.56 -1.01 -3.57
CA ILE A 160 9.51 -1.12 -5.03
C ILE A 160 10.09 -2.46 -5.39
N VAL A 161 9.32 -3.24 -6.12
CA VAL A 161 9.73 -4.56 -6.59
C VAL A 161 10.13 -4.41 -8.06
N GLN A 162 11.26 -4.99 -8.41
CA GLN A 162 11.73 -4.95 -9.80
C GLN A 162 12.42 -6.26 -10.05
N ARG A 163 12.09 -6.90 -11.17
CA ARG A 163 12.69 -8.20 -11.49
C ARG A 163 12.61 -9.17 -10.30
N ARG A 164 11.44 -9.18 -9.66
CA ARG A 164 11.06 -10.16 -8.62
C ARG A 164 11.76 -9.89 -7.30
N LYS A 165 12.51 -8.80 -7.18
CA LYS A 165 13.33 -8.52 -6.03
C LYS A 165 13.04 -7.13 -5.49
N ILE A 166 13.40 -6.92 -4.25
CA ILE A 166 13.20 -5.61 -3.62
C ILE A 166 14.31 -4.68 -4.11
N ALA A 167 13.90 -3.63 -4.85
CA ALA A 167 14.80 -2.62 -5.40
C ALA A 167 14.84 -1.36 -4.55
N TYR A 168 13.80 -1.12 -3.75
CA TYR A 168 13.70 0.05 -2.88
C TYR A 168 12.88 -0.38 -1.69
N LEU A 169 13.34 -0.03 -0.50
CA LEU A 169 12.63 -0.40 0.71
C LEU A 169 12.79 0.74 1.71
N GLY A 170 11.71 1.45 1.99
CA GLY A 170 11.80 2.59 2.88
C GLY A 170 12.37 2.18 4.22
N GLY A 171 13.17 3.06 4.81
CA GLY A 171 13.80 2.76 6.06
C GLY A 171 12.94 2.95 7.29
N LYS A 172 13.63 2.99 8.43
CA LYS A 172 13.00 3.07 9.74
C LYS A 172 13.27 4.39 10.46
N GLY A 173 13.85 5.35 9.78
CA GLY A 173 14.06 6.64 10.37
C GLY A 173 12.78 7.43 10.41
N PRO A 174 12.84 8.53 11.17
CA PRO A 174 11.61 9.33 11.39
C PRO A 174 10.93 9.85 10.13
N PHE A 175 11.71 10.13 9.11
CA PHE A 175 11.20 10.66 7.86
C PHE A 175 11.52 9.71 6.71
N SER A 176 11.67 8.43 7.01
CA SER A 176 12.00 7.49 5.96
C SER A 176 10.84 7.27 5.00
N TYR A 177 9.59 7.49 5.43
CA TYR A 177 8.41 7.34 4.56
C TYR A 177 8.25 8.63 3.76
N ASN A 178 8.70 8.60 2.49
CA ASN A 178 8.85 9.84 1.71
C ASN A 178 8.62 9.46 0.25
N LEU A 179 7.42 9.77 -0.25
CA LEU A 179 7.09 9.39 -1.62
C LEU A 179 7.89 10.19 -2.63
N GLN A 180 8.50 11.30 -2.24
CA GLN A 180 9.40 12.03 -3.16
C GLN A 180 10.72 11.29 -3.33
N GLU A 181 11.15 10.51 -2.34
CA GLU A 181 12.26 9.58 -2.56
C GLU A 181 11.91 8.50 -3.54
N VAL A 182 10.66 8.02 -3.50
CA VAL A 182 10.16 7.12 -4.53
C VAL A 182 10.18 7.79 -5.90
N ARG A 183 9.76 9.05 -5.97
CA ARG A 183 9.89 9.82 -7.22
C ARG A 183 11.33 9.80 -7.72
N SER A 184 12.29 10.07 -6.83
CA SER A 184 13.71 10.06 -7.22
C SER A 184 14.13 8.70 -7.76
N TRP A 185 13.71 7.63 -7.11
CA TRP A 185 14.04 6.30 -7.59
C TRP A 185 13.50 6.10 -9.01
N LEU A 186 12.25 6.50 -9.22
CA LEU A 186 11.65 6.33 -10.54
C LEU A 186 12.39 7.18 -11.58
N GLU A 187 12.71 8.43 -11.24
CA GLU A 187 13.47 9.30 -12.16
C GLU A 187 14.80 8.67 -12.55
N LYS A 188 15.49 8.11 -11.58
CA LYS A 188 16.76 7.46 -11.87
C LYS A 188 16.55 6.22 -12.72
N ASN A 189 15.53 5.44 -12.43
CA ASN A 189 15.33 4.20 -13.14
C ASN A 189 15.06 4.45 -14.59
N PHE A 190 14.36 5.54 -14.91
CA PHE A 190 13.93 5.84 -16.25
C PHE A 190 14.84 6.85 -16.93
N SER A 191 15.88 7.31 -16.24
CA SER A 191 16.83 8.22 -16.85
CA SER A 191 16.84 8.22 -16.85
C SER A 191 17.88 7.44 -17.65
N LYS A 192 18.56 8.15 -18.52
CA LYS A 192 19.66 7.54 -19.25
C LYS A 192 20.84 7.29 -18.31
#